data_6LW5
#
_entry.id   6LW5
#
_cell.length_a   66.280
_cell.length_b   66.280
_cell.length_c   244.900
_cell.angle_alpha   90.00
_cell.angle_beta   90.00
_cell.angle_gamma   120.00
#
_symmetry.space_group_name_H-M   'P 32 2 1'
#
loop_
_entity.id
_entity.type
_entity.pdbx_description
1 polymer 'Soluble cytochrome b562,N-formyl peptide receptor 2'
2 polymer TRP-LYS-TYR-MET-VAL-QXV
3 non-polymer CHOLESTEROL
4 water water
#
loop_
_entity_poly.entity_id
_entity_poly.type
_entity_poly.pdbx_seq_one_letter_code
_entity_poly.pdbx_strand_id
1 'polypeptide(L)'
;PADLEDNWETLNDNLKVIEKADNAAQVKDALTKMRAAALDAQKATPPKLEDKSPDSPEMKDFRHGFDILVGQIDDALKLA
NEGKVKEAQAAAEQLKTTRNAYIQKYLTNFSTPLNEYEEVSYESAGYTVLRILPLVVLGVTFVLGVLGNGLVIWVAGFRM
TRTVTTICYLNLALADFSFTATLPFLIVSMAMGEKWPFGWFLCKLIHIVVDINLFGSVFLIGFIALDRCICVLHPVWAQN
HRTVSLAMKVIVGPWILALVLTLPVFLFLTTVTIPNGDTYCTFNFASWGGTPEERLKVAITMLTARGIIRFVIGFLLPMS
IVAICYGLIAAKIHKKGMIKSSRPLRVLTAVVASFFICWFPFQLVALLGTVWLKEMLFYGKYKIIDILVNPTSSLAFFNS
CLNPMLYVFVGQDFRERLIHSLPTSLE
;
A
2 'polypeptide(L)' WKYMV(QXV) B
#
loop_
_chem_comp.id
_chem_comp.type
_chem_comp.name
_chem_comp.formula
CLR non-polymer CHOLESTEROL 'C27 H46 O'
#
# COMPACT_ATOMS: atom_id res chain seq x y z
N PRO A 1 -19.24 20.12 -13.48
CA PRO A 1 -19.08 18.76 -12.94
C PRO A 1 -19.42 17.68 -13.96
N ALA A 2 -18.61 16.63 -14.01
CA ALA A 2 -18.84 15.52 -14.92
C ALA A 2 -18.07 14.30 -14.42
N ASP A 3 -18.57 13.12 -14.77
CA ASP A 3 -17.96 11.86 -14.35
C ASP A 3 -17.42 11.14 -15.58
N LEU A 4 -16.09 11.14 -15.72
CA LEU A 4 -15.46 10.44 -16.82
C LEU A 4 -15.74 8.95 -16.80
N GLU A 5 -15.95 8.38 -15.61
CA GLU A 5 -16.19 6.94 -15.51
C GLU A 5 -17.45 6.54 -16.25
N ASP A 6 -18.57 7.20 -15.96
CA ASP A 6 -19.82 6.91 -16.66
C ASP A 6 -19.75 7.30 -18.13
N ASN A 7 -18.89 8.26 -18.49
CA ASN A 7 -18.69 8.59 -19.89
C ASN A 7 -18.06 7.42 -20.63
N TRP A 8 -16.87 6.99 -20.19
CA TRP A 8 -16.20 5.86 -20.82
C TRP A 8 -16.97 4.56 -20.64
N GLU A 9 -17.80 4.46 -19.61
CA GLU A 9 -18.71 3.31 -19.52
C GLU A 9 -19.75 3.35 -20.63
N THR A 10 -20.24 4.54 -20.96
CA THR A 10 -21.18 4.67 -22.07
C THR A 10 -20.49 4.48 -23.40
N LEU A 11 -19.26 4.98 -23.54
CA LEU A 11 -18.53 4.83 -24.80
C LEU A 11 -18.20 3.38 -25.09
N ASN A 12 -17.73 2.64 -24.08
CA ASN A 12 -17.40 1.23 -24.27
C ASN A 12 -18.66 0.39 -24.45
N ASP A 13 -19.75 0.73 -23.75
CA ASP A 13 -20.97 -0.07 -23.86
C ASP A 13 -21.58 0.04 -25.25
N ASN A 14 -21.57 1.24 -25.84
CA ASN A 14 -22.16 1.42 -27.16
C ASN A 14 -21.26 0.90 -28.27
N LEU A 15 -19.93 0.89 -28.06
CA LEU A 15 -19.04 0.28 -29.03
C LEU A 15 -19.32 -1.20 -29.21
N LYS A 16 -19.76 -1.88 -28.15
CA LYS A 16 -20.14 -3.28 -28.29
C LYS A 16 -21.47 -3.43 -29.03
N VAL A 17 -22.39 -2.48 -28.86
CA VAL A 17 -23.65 -2.53 -29.57
C VAL A 17 -23.42 -2.32 -31.06
N ILE A 18 -22.46 -1.46 -31.42
CA ILE A 18 -22.14 -1.23 -32.83
C ILE A 18 -21.59 -2.50 -33.47
N GLU A 19 -20.78 -3.25 -32.72
CA GLU A 19 -20.28 -4.52 -33.24
C GLU A 19 -21.40 -5.54 -33.45
N LYS A 20 -22.46 -5.45 -32.63
CA LYS A 20 -23.60 -6.34 -32.80
C LYS A 20 -24.37 -6.02 -34.07
N ALA A 21 -24.33 -4.76 -34.52
CA ALA A 21 -25.00 -4.31 -35.74
C ALA A 21 -26.49 -4.66 -35.71
N ASP A 22 -26.87 -5.67 -36.49
CA ASP A 22 -28.22 -6.22 -36.51
C ASP A 22 -29.25 -5.24 -37.06
N ASN A 23 -28.83 -4.01 -37.35
CA ASN A 23 -29.73 -2.97 -37.85
C ASN A 23 -28.89 -1.79 -38.32
N ALA A 24 -29.57 -0.77 -38.84
CA ALA A 24 -28.93 0.46 -39.27
C ALA A 24 -29.13 1.61 -38.29
N ALA A 25 -30.35 1.77 -37.78
CA ALA A 25 -30.60 2.79 -36.75
C ALA A 25 -29.99 2.39 -35.41
N GLN A 26 -29.76 1.10 -35.19
CA GLN A 26 -29.08 0.67 -33.96
C GLN A 26 -27.66 1.21 -33.88
N VAL A 27 -26.98 1.32 -35.03
CA VAL A 27 -25.67 1.94 -35.06
C VAL A 27 -25.79 3.44 -34.82
N LYS A 28 -26.81 4.06 -35.40
CA LYS A 28 -27.03 5.49 -35.21
C LYS A 28 -27.41 5.80 -33.76
N ASP A 29 -28.22 4.94 -33.14
CA ASP A 29 -28.57 5.15 -31.74
C ASP A 29 -27.34 5.06 -30.84
N ALA A 30 -26.42 4.13 -31.15
CA ALA A 30 -25.23 3.99 -30.32
C ALA A 30 -24.27 5.15 -30.55
N LEU A 31 -24.02 5.51 -31.81
CA LEU A 31 -23.11 6.61 -32.12
C LEU A 31 -23.62 7.93 -31.56
N THR A 32 -24.93 8.14 -31.53
CA THR A 32 -25.46 9.36 -30.94
C THR A 32 -25.21 9.37 -29.44
N LYS A 33 -25.44 8.24 -28.77
CA LYS A 33 -25.13 8.13 -27.35
C LYS A 33 -23.63 8.28 -27.09
N MET A 34 -22.80 7.81 -28.03
CA MET A 34 -21.36 8.00 -27.88
C MET A 34 -20.98 9.47 -28.03
N ARG A 35 -21.64 10.19 -28.95
CA ARG A 35 -21.31 11.60 -29.16
C ARG A 35 -21.67 12.44 -27.94
N ALA A 36 -22.82 12.15 -27.31
CA ALA A 36 -23.18 12.86 -26.09
C ALA A 36 -22.19 12.58 -24.97
N ALA A 37 -21.74 11.34 -24.84
CA ALA A 37 -20.79 10.99 -23.79
C ALA A 37 -19.43 11.63 -24.05
N ALA A 38 -19.01 11.69 -25.31
CA ALA A 38 -17.72 12.30 -25.63
C ALA A 38 -17.73 13.81 -25.39
N LEU A 39 -18.90 14.44 -25.53
CA LEU A 39 -18.98 15.88 -25.25
C LEU A 39 -18.83 16.15 -23.77
N ASP A 40 -19.49 15.36 -22.92
CA ASP A 40 -19.31 15.50 -21.47
C ASP A 40 -17.88 15.15 -21.07
N ALA A 41 -17.32 14.09 -21.67
CA ALA A 41 -15.93 13.74 -21.37
C ALA A 41 -14.97 14.86 -21.72
N GLN A 42 -15.31 15.67 -22.73
CA GLN A 42 -14.50 16.85 -23.02
C GLN A 42 -14.71 17.94 -21.98
N LYS A 43 -15.89 17.99 -21.37
CA LYS A 43 -16.15 18.98 -20.31
C LYS A 43 -15.42 18.61 -19.02
N ALA A 44 -15.20 17.32 -18.78
CA ALA A 44 -14.49 16.85 -17.60
C ALA A 44 -12.97 16.91 -17.76
N THR A 45 -12.48 17.58 -18.79
CA THR A 45 -11.05 17.74 -18.96
C THR A 45 -10.46 18.53 -17.80
N PRO A 46 -9.32 18.12 -17.26
CA PRO A 46 -8.71 18.88 -16.16
C PRO A 46 -8.01 20.12 -16.69
N PRO A 47 -8.75 21.03 -17.34
CA PRO A 47 -8.13 22.28 -17.81
C PRO A 47 -7.90 23.25 -16.65
N LYS A 48 -8.91 23.42 -15.81
CA LYS A 48 -8.75 24.25 -14.61
C LYS A 48 -7.84 23.60 -13.60
N LEU A 49 -7.67 22.28 -13.66
CA LEU A 49 -6.83 21.58 -12.70
C LEU A 49 -5.35 21.76 -12.98
N GLU A 50 -4.97 21.88 -14.25
CA GLU A 50 -3.57 22.02 -14.66
C GLU A 50 -3.45 23.27 -15.53
N ASP A 51 -3.09 24.39 -14.92
CA ASP A 51 -2.86 25.66 -15.61
C ASP A 51 -4.08 26.08 -16.43
N LYS A 52 -5.06 26.68 -15.78
CA LYS A 52 -6.23 27.20 -16.47
C LYS A 52 -5.84 28.41 -17.31
N SER A 53 -5.96 28.28 -18.64
CA SER A 53 -5.61 29.32 -19.59
C SER A 53 -6.04 28.93 -20.99
N PRO A 54 -6.49 29.88 -21.81
CA PRO A 54 -6.84 29.56 -23.20
C PRO A 54 -5.61 29.46 -24.08
N ASP A 55 -5.68 28.53 -25.05
CA ASP A 55 -4.61 28.30 -26.01
C ASP A 55 -3.30 27.97 -25.32
N SER A 56 -3.14 26.71 -24.89
CA SER A 56 -1.93 26.26 -24.21
C SER A 56 -1.35 25.04 -24.92
N PRO A 57 -0.03 24.88 -24.89
CA PRO A 57 0.57 23.72 -25.58
C PRO A 57 0.27 22.39 -24.91
N GLU A 58 -0.05 22.38 -23.62
CA GLU A 58 -0.35 21.14 -22.91
C GLU A 58 -1.79 21.06 -22.40
N MET A 59 -2.52 22.18 -22.32
CA MET A 59 -3.90 22.14 -21.87
C MET A 59 -4.88 22.07 -23.02
N LYS A 60 -4.55 22.68 -24.16
CA LYS A 60 -5.41 22.64 -25.35
C LYS A 60 -5.16 21.41 -26.21
N ASP A 61 -4.23 20.54 -25.84
CA ASP A 61 -3.99 19.31 -26.58
C ASP A 61 -4.83 18.16 -26.06
N PHE A 62 -5.07 18.09 -24.75
CA PHE A 62 -5.95 17.07 -24.21
C PHE A 62 -7.39 17.31 -24.62
N ARG A 63 -7.77 18.57 -24.84
CA ARG A 63 -9.09 18.88 -25.37
C ARG A 63 -9.16 18.69 -26.88
N HIS A 64 -8.03 18.82 -27.57
CA HIS A 64 -8.00 18.57 -29.00
C HIS A 64 -8.11 17.09 -29.33
N GLY A 65 -7.72 16.21 -28.40
CA GLY A 65 -7.88 14.79 -28.63
C GLY A 65 -9.32 14.34 -28.68
N PHE A 66 -10.20 15.00 -27.92
CA PHE A 66 -11.62 14.67 -27.98
C PHE A 66 -12.25 15.18 -29.28
N ASP A 67 -11.70 16.25 -29.85
CA ASP A 67 -12.18 16.70 -31.15
C ASP A 67 -11.91 15.65 -32.22
N ILE A 68 -10.75 15.00 -32.15
CA ILE A 68 -10.47 13.87 -33.04
C ILE A 68 -11.38 12.70 -32.69
N LEU A 69 -11.70 12.53 -31.40
CA LEU A 69 -12.64 11.50 -31.01
C LEU A 69 -14.04 11.79 -31.54
N VAL A 70 -14.55 13.00 -31.29
CA VAL A 70 -15.85 13.39 -31.82
C VAL A 70 -15.83 13.39 -33.34
N GLY A 71 -14.70 13.76 -33.95
CA GLY A 71 -14.60 13.72 -35.39
C GLY A 71 -14.76 12.33 -35.95
N GLN A 72 -14.13 11.34 -35.32
CA GLN A 72 -14.28 9.96 -35.76
C GLN A 72 -15.69 9.45 -35.54
N ILE A 73 -16.39 9.96 -34.52
CA ILE A 73 -17.78 9.56 -34.29
C ILE A 73 -18.66 10.05 -35.43
N ASP A 74 -18.40 11.27 -35.92
CA ASP A 74 -19.16 11.78 -37.06
C ASP A 74 -18.84 11.02 -38.34
N ASP A 75 -17.59 10.57 -38.49
CA ASP A 75 -17.23 9.79 -39.67
C ASP A 75 -18.06 8.52 -39.77
N ALA A 76 -18.15 7.78 -38.66
CA ALA A 76 -19.00 6.58 -38.65
C ALA A 76 -20.48 6.93 -38.64
N LEU A 77 -20.84 8.17 -38.29
CA LEU A 77 -22.25 8.54 -38.22
C LEU A 77 -22.80 8.92 -39.59
N LYS A 78 -21.98 9.56 -40.43
CA LYS A 78 -22.42 9.88 -41.79
C LYS A 78 -22.63 8.62 -42.61
N LEU A 79 -21.78 7.60 -42.40
CA LEU A 79 -21.92 6.35 -43.12
C LEU A 79 -23.09 5.50 -42.60
N ALA A 80 -23.55 5.79 -41.38
CA ALA A 80 -24.68 5.08 -40.79
C ALA A 80 -26.02 5.64 -41.23
N ASN A 81 -26.11 6.96 -41.44
CA ASN A 81 -27.33 7.58 -41.93
C ASN A 81 -27.60 7.24 -43.40
N GLU A 82 -26.60 6.72 -44.11
CA GLU A 82 -26.76 6.31 -45.49
C GLU A 82 -27.12 4.83 -45.64
N GLY A 83 -27.51 4.18 -44.54
CA GLY A 83 -27.92 2.80 -44.57
C GLY A 83 -26.80 1.78 -44.56
N LYS A 84 -25.58 2.17 -44.90
CA LYS A 84 -24.45 1.25 -44.96
C LYS A 84 -24.00 0.91 -43.55
N VAL A 85 -24.33 -0.30 -43.08
CA VAL A 85 -23.91 -0.73 -41.75
C VAL A 85 -22.50 -1.31 -41.76
N LYS A 86 -21.98 -1.68 -42.94
CA LYS A 86 -20.64 -2.25 -43.00
C LYS A 86 -19.56 -1.16 -42.88
N GLU A 87 -19.75 -0.04 -43.59
CA GLU A 87 -18.78 1.06 -43.48
C GLU A 87 -18.85 1.72 -42.12
N ALA A 88 -20.02 1.69 -41.47
CA ALA A 88 -20.13 2.28 -40.14
C ALA A 88 -19.35 1.47 -39.10
N GLN A 89 -19.45 0.15 -39.16
CA GLN A 89 -18.73 -0.69 -38.21
C GLN A 89 -17.23 -0.68 -38.48
N ALA A 90 -16.82 -0.52 -39.73
CA ALA A 90 -15.40 -0.46 -40.05
C ALA A 90 -14.76 0.81 -39.50
N ALA A 91 -15.50 1.92 -39.53
CA ALA A 91 -15.00 3.16 -38.92
C ALA A 91 -15.01 3.10 -37.41
N ALA A 92 -15.79 2.19 -36.81
CA ALA A 92 -15.79 2.06 -35.36
C ALA A 92 -14.53 1.38 -34.85
N GLU A 93 -13.80 0.65 -35.71
CA GLU A 93 -12.56 0.04 -35.29
C GLU A 93 -11.48 1.08 -35.02
N GLN A 94 -11.40 2.12 -35.86
CA GLN A 94 -10.53 3.24 -35.56
C GLN A 94 -10.99 3.99 -34.32
N LEU A 95 -12.30 3.99 -34.06
CA LEU A 95 -12.82 4.60 -32.85
C LEU A 95 -12.39 3.83 -31.61
N LYS A 96 -12.18 2.52 -31.73
CA LYS A 96 -11.65 1.74 -30.61
C LYS A 96 -10.17 2.02 -30.39
N THR A 97 -9.44 2.34 -31.45
CA THR A 97 -8.01 2.57 -31.32
C THR A 97 -7.70 3.79 -30.46
N THR A 98 -8.42 4.89 -30.69
CA THR A 98 -8.24 6.08 -29.87
C THR A 98 -8.73 5.86 -28.44
N ARG A 99 -9.79 5.06 -28.27
CA ARG A 99 -10.24 4.71 -26.94
C ARG A 99 -9.16 3.95 -26.18
N ASN A 100 -8.46 3.05 -26.88
CA ASN A 100 -7.33 2.37 -26.28
C ASN A 100 -6.17 3.31 -25.99
N ALA A 101 -6.10 4.44 -26.69
CA ALA A 101 -5.06 5.42 -26.41
C ALA A 101 -5.35 6.15 -25.10
N TYR A 102 -6.61 6.48 -24.84
CA TYR A 102 -6.96 7.16 -23.60
C TYR A 102 -6.87 6.22 -22.40
N ILE A 103 -7.23 4.95 -22.59
CA ILE A 103 -7.15 3.98 -21.50
C ILE A 103 -5.70 3.74 -21.11
N GLN A 104 -4.81 3.60 -22.11
CA GLN A 104 -3.39 3.47 -21.81
C GLN A 104 -2.81 4.76 -21.25
N LYS A 105 -3.32 5.91 -21.69
CA LYS A 105 -2.88 7.18 -21.13
C LYS A 105 -3.29 7.30 -19.67
N TYR A 106 -4.45 6.73 -19.29
CA TYR A 106 -4.86 6.74 -17.89
C TYR A 106 -4.02 5.76 -17.07
N LEU A 107 -3.69 4.61 -17.65
CA LEU A 107 -2.97 3.58 -16.88
C LEU A 107 -1.50 3.93 -16.70
N THR A 108 -0.86 4.51 -17.72
CA THR A 108 0.57 4.82 -17.60
C THR A 108 0.80 5.96 -16.62
N ASN A 109 -0.02 7.01 -16.69
CA ASN A 109 0.10 8.09 -15.72
C ASN A 109 -0.28 7.64 -14.30
N PHE A 110 -1.01 6.54 -14.18
CA PHE A 110 -1.43 6.05 -12.87
C PHE A 110 -0.35 5.19 -12.22
N SER A 111 0.29 4.31 -13.00
CA SER A 111 1.36 3.48 -12.48
C SER A 111 2.67 4.26 -12.32
N THR A 112 2.72 5.50 -12.78
CA THR A 112 3.92 6.32 -12.62
C THR A 112 3.81 7.12 -11.34
N PRO A 113 4.64 6.88 -10.34
CA PRO A 113 4.57 7.66 -9.11
C PRO A 113 4.98 9.10 -9.35
N LEU A 114 4.26 10.02 -8.72
CA LEU A 114 4.50 11.45 -8.90
C LEU A 114 5.83 11.82 -8.25
N ASN A 115 6.83 12.13 -9.07
CA ASN A 115 8.14 12.55 -8.58
C ASN A 115 8.06 13.92 -7.94
N GLU A 116 7.83 13.96 -6.62
CA GLU A 116 7.66 15.23 -5.92
C GLU A 116 8.97 15.96 -5.68
N TYR A 117 10.10 15.45 -6.19
CA TYR A 117 11.36 16.16 -6.13
C TYR A 117 11.55 17.14 -7.29
N GLU A 118 10.82 16.96 -8.39
CA GLU A 118 10.91 17.86 -9.52
C GLU A 118 9.66 18.70 -9.75
N GLU A 119 8.54 18.34 -9.14
CA GLU A 119 7.31 19.11 -9.32
C GLU A 119 7.45 20.48 -8.68
N VAL A 120 7.02 21.52 -9.40
CA VAL A 120 7.12 22.88 -8.91
C VAL A 120 6.18 23.14 -7.76
N SER A 121 5.09 22.39 -7.64
CA SER A 121 4.13 22.59 -6.57
C SER A 121 4.70 22.30 -5.20
N TYR A 122 5.74 21.47 -5.12
CA TYR A 122 6.38 21.12 -3.85
C TYR A 122 7.82 21.62 -3.82
N GLU A 123 8.05 22.79 -4.41
CA GLU A 123 9.39 23.35 -4.48
C GLU A 123 9.79 24.09 -3.20
N SER A 124 8.83 24.57 -2.43
CA SER A 124 9.12 25.39 -1.26
C SER A 124 10.03 24.65 -0.28
N ALA A 125 10.73 25.44 0.54
CA ALA A 125 11.68 24.86 1.49
C ALA A 125 10.99 23.95 2.50
N GLY A 126 9.71 24.20 2.79
CA GLY A 126 8.99 23.31 3.67
C GLY A 126 8.87 21.90 3.12
N TYR A 127 8.40 21.77 1.88
CA TYR A 127 8.34 20.46 1.25
C TYR A 127 9.72 19.85 1.06
N THR A 128 10.75 20.69 0.95
CA THR A 128 12.09 20.18 0.74
C THR A 128 12.63 19.50 1.99
N VAL A 129 12.34 20.06 3.17
CA VAL A 129 12.77 19.43 4.41
C VAL A 129 11.83 18.29 4.81
N LEU A 130 10.60 18.27 4.31
CA LEU A 130 9.67 17.19 4.60
C LEU A 130 9.87 15.98 3.71
N ARG A 131 10.77 16.05 2.72
CA ARG A 131 11.18 14.88 1.97
C ARG A 131 12.43 14.24 2.55
N ILE A 132 13.30 15.04 3.16
CA ILE A 132 14.47 14.50 3.84
C ILE A 132 14.08 13.89 5.17
N LEU A 133 13.01 14.40 5.80
CA LEU A 133 12.60 13.91 7.12
C LEU A 133 12.30 12.41 7.13
N PRO A 134 11.49 11.85 6.22
CA PRO A 134 11.30 10.39 6.24
C PRO A 134 12.57 9.64 5.93
N LEU A 135 13.52 10.24 5.20
CA LEU A 135 14.79 9.58 4.96
C LEU A 135 15.61 9.49 6.23
N VAL A 136 15.58 10.53 7.06
CA VAL A 136 16.32 10.50 8.32
C VAL A 136 15.68 9.51 9.29
N VAL A 137 14.35 9.48 9.34
CA VAL A 137 13.65 8.53 10.19
C VAL A 137 14.00 7.10 9.81
N LEU A 138 14.05 6.82 8.51
CA LEU A 138 14.48 5.49 8.07
C LEU A 138 15.96 5.26 8.36
N GLY A 139 16.77 6.31 8.39
CA GLY A 139 18.17 6.14 8.72
C GLY A 139 18.37 5.72 10.16
N VAL A 140 17.72 6.41 11.10
CA VAL A 140 17.85 6.05 12.50
C VAL A 140 17.13 4.74 12.78
N THR A 141 16.09 4.41 12.02
CA THR A 141 15.41 3.14 12.20
C THR A 141 16.25 1.99 11.68
N PHE A 142 17.13 2.25 10.71
CA PHE A 142 18.01 1.20 10.20
C PHE A 142 19.05 0.82 11.24
N VAL A 143 19.73 1.81 11.82
CA VAL A 143 20.79 1.51 12.78
C VAL A 143 20.20 0.95 14.08
N LEU A 144 19.12 1.58 14.58
CA LEU A 144 18.52 1.10 15.81
C LEU A 144 17.79 -0.23 15.62
N GLY A 145 17.27 -0.48 14.42
CA GLY A 145 16.52 -1.70 14.19
C GLY A 145 17.41 -2.93 14.09
N VAL A 146 18.50 -2.83 13.33
CA VAL A 146 19.37 -3.99 13.16
C VAL A 146 20.15 -4.27 14.45
N LEU A 147 20.37 -3.25 15.28
CA LEU A 147 21.03 -3.45 16.56
C LEU A 147 20.03 -3.88 17.63
N GLY A 148 18.94 -3.13 17.78
CA GLY A 148 17.94 -3.46 18.79
C GLY A 148 17.40 -4.87 18.63
N ASN A 149 16.94 -5.21 17.44
CA ASN A 149 16.45 -6.56 17.19
C ASN A 149 17.59 -7.56 17.07
N GLY A 150 18.80 -7.10 16.74
CA GLY A 150 19.94 -8.00 16.70
C GLY A 150 20.34 -8.49 18.08
N LEU A 151 20.25 -7.60 19.08
CA LEU A 151 20.55 -8.01 20.45
C LEU A 151 19.52 -9.00 20.96
N VAL A 152 18.24 -8.80 20.60
CA VAL A 152 17.21 -9.73 21.04
C VAL A 152 17.42 -11.10 20.41
N ILE A 153 17.83 -11.14 19.13
CA ILE A 153 18.15 -12.42 18.49
C ILE A 153 19.27 -13.12 19.23
N TRP A 154 20.24 -12.35 19.74
CA TRP A 154 21.38 -12.95 20.42
C TRP A 154 21.05 -13.31 21.86
N VAL A 155 20.47 -12.37 22.61
CA VAL A 155 20.15 -12.59 24.02
C VAL A 155 18.98 -13.55 24.13
N ALA A 156 17.78 -13.08 23.79
CA ALA A 156 16.57 -13.89 23.95
C ALA A 156 16.57 -15.14 23.09
N GLY A 157 17.47 -15.25 22.12
CA GLY A 157 17.48 -16.39 21.24
C GLY A 157 18.51 -17.43 21.62
N PHE A 158 19.67 -17.00 22.08
CA PHE A 158 20.76 -17.91 22.40
C PHE A 158 21.26 -17.83 23.83
N ARG A 159 21.04 -16.73 24.53
CA ARG A 159 21.50 -16.57 25.90
C ARG A 159 20.45 -16.91 26.94
N MET A 160 19.18 -16.61 26.68
CA MET A 160 18.11 -16.92 27.61
C MET A 160 17.73 -18.40 27.51
N THR A 161 16.76 -18.80 28.31
CA THR A 161 16.28 -20.18 28.33
C THR A 161 15.02 -20.29 27.50
N ARG A 162 14.96 -21.31 26.64
CA ARG A 162 13.84 -21.51 25.74
C ARG A 162 12.53 -21.63 26.51
N THR A 163 11.77 -20.53 26.55
CA THR A 163 10.41 -20.50 27.06
C THR A 163 9.49 -20.04 25.94
N VAL A 164 8.17 -20.06 26.20
CA VAL A 164 7.24 -19.53 25.21
C VAL A 164 7.48 -18.06 24.98
N THR A 165 7.89 -17.33 26.02
CA THR A 165 8.13 -15.89 25.87
C THR A 165 9.31 -15.61 24.96
N THR A 166 10.42 -16.33 25.16
CA THR A 166 11.61 -16.05 24.36
C THR A 166 11.40 -16.45 22.90
N ILE A 167 10.54 -17.43 22.63
CA ILE A 167 10.23 -17.78 21.25
C ILE A 167 9.43 -16.67 20.59
N CYS A 168 8.50 -16.07 21.32
CA CYS A 168 7.73 -14.96 20.78
C CYS A 168 8.61 -13.77 20.47
N TYR A 169 9.54 -13.44 21.37
CA TYR A 169 10.41 -12.30 21.14
C TYR A 169 11.40 -12.58 20.02
N LEU A 170 11.82 -13.83 19.85
CA LEU A 170 12.75 -14.16 18.77
C LEU A 170 12.08 -14.00 17.41
N ASN A 171 10.87 -14.55 17.25
CA ASN A 171 10.15 -14.38 16.00
C ASN A 171 9.91 -12.90 15.71
N LEU A 172 9.48 -12.12 16.71
CA LEU A 172 9.32 -10.69 16.52
C LEU A 172 10.63 -10.02 16.18
N ALA A 173 11.74 -10.51 16.75
CA ALA A 173 13.04 -9.93 16.43
C ALA A 173 13.48 -10.27 15.01
N LEU A 174 13.25 -11.51 14.59
CA LEU A 174 13.62 -11.91 13.23
C LEU A 174 12.79 -11.17 12.19
N ALA A 175 11.53 -10.87 12.49
CA ALA A 175 10.71 -10.10 11.58
C ALA A 175 11.26 -8.69 11.41
N ASP A 176 11.37 -7.95 12.52
CA ASP A 176 11.83 -6.57 12.44
C ASP A 176 13.27 -6.47 11.94
N PHE A 177 14.10 -7.47 12.22
CA PHE A 177 15.47 -7.43 11.72
C PHE A 177 15.52 -7.61 10.21
N SER A 178 14.79 -8.61 9.70
CA SER A 178 14.76 -8.81 8.25
C SER A 178 14.15 -7.62 7.54
N PHE A 179 13.20 -6.92 8.17
CA PHE A 179 12.63 -5.73 7.57
C PHE A 179 13.62 -4.58 7.59
N THR A 180 14.13 -4.22 8.78
CA THR A 180 15.04 -3.08 8.89
C THR A 180 16.31 -3.29 8.07
N ALA A 181 16.66 -4.54 7.75
CA ALA A 181 17.84 -4.79 6.93
C ALA A 181 17.65 -4.38 5.48
N THR A 182 16.42 -4.13 5.05
CA THR A 182 16.13 -3.67 3.70
C THR A 182 15.96 -2.16 3.60
N LEU A 183 16.08 -1.45 4.71
CA LEU A 183 15.88 0.00 4.69
C LEU A 183 16.89 0.75 3.81
N PRO A 184 18.18 0.39 3.75
CA PRO A 184 19.08 1.11 2.83
C PRO A 184 18.63 1.09 1.38
N PHE A 185 17.99 0.01 0.94
CA PHE A 185 17.51 -0.03 -0.44
C PHE A 185 16.28 0.84 -0.63
N LEU A 186 15.46 1.00 0.41
CA LEU A 186 14.27 1.84 0.30
C LEU A 186 14.56 3.32 0.52
N ILE A 187 15.65 3.65 1.22
CA ILE A 187 15.94 5.05 1.48
C ILE A 187 16.58 5.71 0.26
N VAL A 188 17.41 4.98 -0.48
CA VAL A 188 17.96 5.50 -1.72
C VAL A 188 16.92 5.49 -2.84
N SER A 189 15.93 4.61 -2.77
CA SER A 189 14.84 4.63 -3.74
C SER A 189 13.90 5.80 -3.49
N MET A 190 13.58 6.08 -2.22
CA MET A 190 12.76 7.24 -1.90
C MET A 190 13.50 8.54 -2.20
N ALA A 191 14.82 8.56 -2.02
CA ALA A 191 15.59 9.77 -2.28
C ALA A 191 15.67 10.10 -3.76
N MET A 192 15.50 9.11 -4.64
CA MET A 192 15.51 9.32 -6.08
C MET A 192 14.10 9.46 -6.65
N GLY A 193 13.14 9.87 -5.84
CA GLY A 193 11.77 10.02 -6.32
C GLY A 193 11.12 8.73 -6.74
N GLU A 194 11.13 7.73 -5.86
CA GLU A 194 10.48 6.44 -6.04
C GLU A 194 11.06 5.62 -7.18
N LYS A 195 12.20 6.04 -7.75
CA LYS A 195 12.87 5.23 -8.76
C LYS A 195 13.52 4.01 -8.10
N TRP A 196 13.91 3.05 -8.95
CA TRP A 196 14.50 1.79 -8.49
C TRP A 196 15.78 1.52 -9.27
N PRO A 197 16.93 1.95 -8.76
CA PRO A 197 18.20 1.71 -9.46
C PRO A 197 18.71 0.29 -9.36
N PHE A 198 17.99 -0.61 -8.68
CA PHE A 198 18.41 -1.99 -8.53
C PHE A 198 17.74 -2.86 -9.58
N GLY A 199 18.18 -4.11 -9.64
CA GLY A 199 17.69 -5.02 -10.65
C GLY A 199 16.22 -5.37 -10.47
N TRP A 200 15.69 -6.08 -11.46
CA TRP A 200 14.35 -6.64 -11.34
C TRP A 200 14.28 -7.68 -10.23
N PHE A 201 15.38 -8.42 -10.01
CA PHE A 201 15.39 -9.41 -8.94
C PHE A 201 15.26 -8.76 -7.57
N LEU A 202 15.95 -7.65 -7.36
CA LEU A 202 15.86 -6.97 -6.07
C LEU A 202 14.51 -6.28 -5.89
N CYS A 203 13.89 -5.84 -6.98
CA CYS A 203 12.57 -5.23 -6.89
C CYS A 203 11.56 -6.20 -6.27
N LYS A 204 11.66 -7.48 -6.64
CA LYS A 204 10.75 -8.49 -6.10
C LYS A 204 11.25 -9.07 -4.79
N LEU A 205 12.56 -9.21 -4.62
CA LEU A 205 13.07 -9.80 -3.37
C LEU A 205 12.90 -8.86 -2.21
N ILE A 206 13.17 -7.57 -2.40
CA ILE A 206 13.16 -6.63 -1.29
C ILE A 206 11.72 -6.37 -0.83
N HIS A 207 10.83 -6.06 -1.77
CA HIS A 207 9.47 -5.72 -1.39
C HIS A 207 8.68 -6.93 -0.92
N ILE A 208 9.16 -8.14 -1.18
CA ILE A 208 8.55 -9.32 -0.57
C ILE A 208 9.03 -9.46 0.87
N VAL A 209 10.33 -9.29 1.11
CA VAL A 209 10.85 -9.30 2.47
C VAL A 209 10.21 -8.21 3.31
N VAL A 210 9.90 -7.07 2.70
CA VAL A 210 9.25 -5.99 3.44
C VAL A 210 7.82 -6.38 3.82
N ASP A 211 7.04 -6.83 2.84
CA ASP A 211 5.63 -7.12 3.11
C ASP A 211 5.46 -8.34 4.01
N ILE A 212 6.35 -9.33 3.92
CA ILE A 212 6.24 -10.51 4.77
C ILE A 212 6.53 -10.16 6.22
N ASN A 213 7.62 -9.41 6.46
CA ASN A 213 8.02 -9.12 7.83
C ASN A 213 7.12 -8.07 8.46
N LEU A 214 6.70 -7.06 7.70
CA LEU A 214 5.77 -6.08 8.25
C LEU A 214 4.44 -6.71 8.60
N PHE A 215 3.89 -7.55 7.72
CA PHE A 215 2.72 -8.34 8.08
C PHE A 215 3.03 -9.24 9.27
N GLY A 216 4.20 -9.89 9.27
CA GLY A 216 4.58 -10.71 10.40
C GLY A 216 4.73 -9.90 11.68
N SER A 217 5.30 -8.70 11.59
CA SER A 217 5.51 -7.87 12.77
C SER A 217 4.18 -7.58 13.47
N VAL A 218 3.17 -7.15 12.70
CA VAL A 218 1.90 -6.81 13.33
C VAL A 218 1.17 -8.08 13.77
N PHE A 219 1.31 -9.17 13.02
CA PHE A 219 0.63 -10.41 13.41
C PHE A 219 1.23 -11.00 14.68
N LEU A 220 2.56 -10.98 14.80
CA LEU A 220 3.20 -11.47 16.01
C LEU A 220 2.88 -10.57 17.20
N ILE A 221 2.79 -9.26 16.99
CA ILE A 221 2.40 -8.36 18.07
C ILE A 221 1.04 -8.77 18.62
N GLY A 222 0.08 -9.08 17.74
CA GLY A 222 -1.21 -9.57 18.20
C GLY A 222 -1.15 -10.96 18.78
N PHE A 223 -0.14 -11.75 18.38
CA PHE A 223 0.02 -13.09 18.94
C PHE A 223 0.58 -13.02 20.36
N ILE A 224 1.53 -12.11 20.59
CA ILE A 224 2.04 -11.86 21.94
C ILE A 224 0.91 -11.36 22.84
N ALA A 225 0.05 -10.50 22.31
CA ALA A 225 -1.08 -10.01 23.10
C ALA A 225 -2.01 -11.15 23.49
N LEU A 226 -2.24 -12.10 22.57
CA LEU A 226 -3.09 -13.24 22.90
C LEU A 226 -2.45 -14.12 23.96
N ASP A 227 -1.15 -14.40 23.83
CA ASP A 227 -0.47 -15.24 24.81
C ASP A 227 -0.44 -14.56 26.17
N ARG A 228 -0.14 -13.25 26.21
CA ARG A 228 -0.15 -12.54 27.48
C ARG A 228 -1.55 -12.49 28.08
N CYS A 229 -2.58 -12.45 27.23
CA CYS A 229 -3.94 -12.41 27.76
C CYS A 229 -4.36 -13.71 28.40
N ILE A 230 -3.89 -14.84 27.87
CA ILE A 230 -4.27 -16.13 28.43
C ILE A 230 -3.55 -16.42 29.74
N CYS A 231 -2.30 -15.96 29.88
CA CYS A 231 -1.57 -16.19 31.11
C CYS A 231 -2.23 -15.49 32.28
N VAL A 232 -2.73 -14.27 32.07
CA VAL A 232 -3.32 -13.51 33.16
C VAL A 232 -4.74 -13.98 33.45
N LEU A 233 -5.51 -14.29 32.40
CA LEU A 233 -6.91 -14.69 32.60
C LEU A 233 -7.03 -16.15 33.02
N HIS A 234 -6.17 -17.03 32.52
CA HIS A 234 -6.24 -18.46 32.81
C HIS A 234 -4.85 -18.97 33.21
N PRO A 235 -4.40 -18.63 34.42
CA PRO A 235 -3.06 -19.08 34.84
C PRO A 235 -2.98 -20.59 35.06
N VAL A 236 -4.07 -21.22 35.51
CA VAL A 236 -4.06 -22.67 35.70
C VAL A 236 -3.95 -23.38 34.36
N TRP A 237 -4.67 -22.90 33.34
CA TRP A 237 -4.59 -23.49 32.02
C TRP A 237 -3.21 -23.30 31.40
N ALA A 238 -2.53 -22.20 31.75
CA ALA A 238 -1.21 -21.93 31.19
C ALA A 238 -0.19 -22.96 31.65
N GLN A 239 -0.12 -23.21 32.96
CA GLN A 239 0.89 -24.10 33.50
C GLN A 239 0.67 -25.55 33.09
N ASN A 240 -0.52 -25.89 32.61
CA ASN A 240 -0.84 -27.26 32.22
C ASN A 240 -0.99 -27.46 30.71
N HIS A 241 -0.99 -26.38 29.92
CA HIS A 241 -1.16 -26.51 28.48
C HIS A 241 -0.29 -25.55 27.66
N ARG A 242 0.09 -24.39 28.19
CA ARG A 242 0.92 -23.44 27.46
C ARG A 242 2.36 -23.93 27.47
N THR A 243 2.69 -24.81 26.54
CA THR A 243 4.00 -25.42 26.44
C THR A 243 4.79 -24.82 25.27
N VAL A 244 6.10 -25.05 25.30
CA VAL A 244 6.96 -24.62 24.21
C VAL A 244 6.61 -25.38 22.93
N SER A 245 6.26 -26.67 23.07
CA SER A 245 5.91 -27.47 21.90
C SER A 245 4.67 -26.92 21.20
N LEU A 246 3.68 -26.48 21.97
CA LEU A 246 2.47 -25.91 21.37
C LEU A 246 2.76 -24.55 20.75
N ALA A 247 3.60 -23.74 21.40
CA ALA A 247 3.96 -22.43 20.85
C ALA A 247 4.73 -22.57 19.54
N MET A 248 5.50 -23.65 19.38
CA MET A 248 6.19 -23.88 18.12
C MET A 248 5.22 -24.08 16.96
N LYS A 249 4.07 -24.70 17.23
CA LYS A 249 3.12 -25.00 16.16
C LYS A 249 2.25 -23.80 15.82
N VAL A 250 1.61 -23.20 16.83
CA VAL A 250 0.63 -22.14 16.59
C VAL A 250 1.25 -20.83 16.13
N ILE A 251 2.57 -20.67 16.25
CA ILE A 251 3.21 -19.43 15.84
C ILE A 251 3.56 -19.42 14.36
N VAL A 252 3.51 -20.57 13.69
CA VAL A 252 3.70 -20.60 12.25
C VAL A 252 2.52 -19.98 11.52
N GLY A 253 1.36 -19.93 12.17
CA GLY A 253 0.16 -19.33 11.62
C GLY A 253 0.35 -17.91 11.13
N PRO A 254 0.75 -17.00 12.02
CA PRO A 254 0.98 -15.61 11.61
C PRO A 254 1.92 -15.46 10.43
N TRP A 255 2.90 -16.37 10.29
CA TRP A 255 3.82 -16.28 9.17
C TRP A 255 3.20 -16.77 7.87
N ILE A 256 2.42 -17.85 7.93
CA ILE A 256 1.73 -18.33 6.74
C ILE A 256 0.75 -17.29 6.24
N LEU A 257 0.04 -16.62 7.17
CA LEU A 257 -0.86 -15.55 6.76
C LEU A 257 -0.11 -14.40 6.13
N ALA A 258 1.09 -14.10 6.64
CA ALA A 258 1.90 -13.04 6.03
C ALA A 258 2.44 -13.46 4.68
N LEU A 259 2.63 -14.77 4.47
CA LEU A 259 3.16 -15.23 3.19
C LEU A 259 2.09 -15.22 2.11
N VAL A 260 0.84 -15.55 2.46
CA VAL A 260 -0.22 -15.57 1.47
C VAL A 260 -0.57 -14.15 1.01
N LEU A 261 -0.71 -13.22 1.96
CA LEU A 261 -1.03 -11.84 1.63
C LEU A 261 0.08 -11.13 0.87
N THR A 262 1.25 -11.76 0.73
CA THR A 262 2.34 -11.19 -0.04
C THR A 262 2.37 -11.72 -1.47
N LEU A 263 1.59 -12.76 -1.77
CA LEU A 263 1.52 -13.29 -3.14
C LEU A 263 1.26 -12.23 -4.20
N PRO A 264 0.38 -11.24 -4.01
CA PRO A 264 0.26 -10.19 -5.03
C PRO A 264 1.57 -9.50 -5.36
N VAL A 265 2.46 -9.33 -4.37
CA VAL A 265 3.77 -8.74 -4.65
C VAL A 265 4.63 -9.70 -5.46
N PHE A 266 4.51 -11.01 -5.18
CA PHE A 266 5.33 -11.98 -5.88
C PHE A 266 4.95 -12.12 -7.35
N LEU A 267 3.70 -11.83 -7.69
CA LEU A 267 3.18 -12.10 -9.02
C LEU A 267 3.09 -10.86 -9.90
N PHE A 268 2.71 -9.71 -9.34
CA PHE A 268 2.38 -8.54 -10.14
C PHE A 268 3.34 -7.37 -9.95
N LEU A 269 4.37 -7.52 -9.11
CA LEU A 269 5.34 -6.45 -8.90
C LEU A 269 6.57 -6.72 -9.76
N THR A 270 6.97 -5.72 -10.54
CA THR A 270 8.10 -5.84 -11.46
C THR A 270 8.63 -4.44 -11.75
N THR A 271 9.73 -4.39 -12.50
CA THR A 271 10.33 -3.12 -12.91
C THR A 271 9.75 -2.70 -14.25
N VAL A 272 9.17 -1.50 -14.29
CA VAL A 272 8.67 -0.92 -15.52
C VAL A 272 9.59 0.22 -15.92
N THR A 273 9.68 0.46 -17.22
CA THR A 273 10.51 1.51 -17.77
C THR A 273 9.61 2.55 -18.46
N ILE A 274 9.62 3.76 -17.93
CA ILE A 274 8.86 4.90 -18.45
C ILE A 274 9.42 5.24 -19.84
N PRO A 275 8.69 5.99 -20.68
CA PRO A 275 9.23 6.32 -22.02
C PRO A 275 10.62 6.96 -22.00
N ASN A 276 10.89 7.86 -21.06
CA ASN A 276 12.23 8.41 -20.90
C ASN A 276 13.06 7.49 -20.01
N GLY A 277 14.28 7.91 -19.69
CA GLY A 277 15.19 7.07 -18.92
C GLY A 277 14.90 6.99 -17.43
N ASP A 278 13.80 6.33 -17.06
CA ASP A 278 13.41 6.18 -15.66
C ASP A 278 12.84 4.78 -15.43
N THR A 279 13.29 4.14 -14.36
CA THR A 279 12.83 2.81 -13.98
C THR A 279 12.12 2.87 -12.64
N TYR A 280 10.97 2.19 -12.56
CA TYR A 280 10.16 2.17 -11.35
C TYR A 280 9.76 0.73 -11.02
N CYS A 281 9.79 0.39 -9.73
CA CYS A 281 9.39 -0.92 -9.24
C CYS A 281 7.96 -0.79 -8.73
N THR A 282 7.01 -1.11 -9.59
CA THR A 282 5.59 -0.95 -9.29
C THR A 282 4.81 -2.07 -9.96
N PHE A 283 3.49 -1.99 -9.91
CA PHE A 283 2.62 -2.94 -10.59
C PHE A 283 2.45 -2.52 -12.04
N ASN A 284 2.81 -3.42 -12.96
CA ASN A 284 2.74 -3.12 -14.39
C ASN A 284 1.29 -3.29 -14.86
N PHE A 285 0.47 -2.28 -14.57
CA PHE A 285 -0.94 -2.37 -14.90
C PHE A 285 -1.17 -2.36 -16.40
N ALA A 286 -0.37 -1.60 -17.15
CA ALA A 286 -0.52 -1.48 -18.59
C ALA A 286 0.05 -2.66 -19.37
N SER A 287 0.26 -3.81 -18.72
CA SER A 287 0.80 -4.99 -19.37
C SER A 287 0.15 -6.25 -18.83
N TRP A 288 -1.14 -6.16 -18.51
CA TRP A 288 -1.90 -7.29 -18.01
C TRP A 288 -2.75 -7.89 -19.12
N GLY A 289 -3.51 -8.93 -18.77
CA GLY A 289 -4.31 -9.64 -19.74
C GLY A 289 -5.61 -8.93 -20.07
N GLY A 290 -6.29 -9.46 -21.09
CA GLY A 290 -7.57 -8.92 -21.52
C GLY A 290 -7.41 -7.69 -22.39
N THR A 291 -8.57 -7.16 -22.81
CA THR A 291 -8.58 -5.94 -23.60
C THR A 291 -8.16 -4.76 -22.74
N PRO A 292 -7.73 -3.65 -23.37
CA PRO A 292 -7.39 -2.45 -22.59
C PRO A 292 -8.50 -1.98 -21.68
N GLU A 293 -9.77 -2.14 -22.10
CA GLU A 293 -10.89 -1.82 -21.22
C GLU A 293 -10.86 -2.69 -19.97
N GLU A 294 -10.55 -3.98 -20.14
CA GLU A 294 -10.51 -4.89 -18.99
C GLU A 294 -9.34 -4.57 -18.06
N ARG A 295 -8.22 -4.08 -18.61
CA ARG A 295 -7.09 -3.68 -17.78
C ARG A 295 -7.45 -2.54 -16.84
N LEU A 296 -8.47 -1.76 -17.17
CA LEU A 296 -8.85 -0.62 -16.32
C LEU A 296 -9.62 -1.07 -15.10
N LYS A 297 -10.57 -2.00 -15.27
CA LYS A 297 -11.38 -2.45 -14.15
C LYS A 297 -10.62 -3.40 -13.23
N VAL A 298 -9.72 -4.22 -13.77
CA VAL A 298 -8.94 -5.11 -12.93
C VAL A 298 -7.85 -4.37 -12.16
N ALA A 299 -7.49 -3.16 -12.59
CA ALA A 299 -6.50 -2.38 -11.86
C ALA A 299 -7.11 -1.75 -10.61
N ILE A 300 -8.38 -1.34 -10.68
CA ILE A 300 -9.02 -0.71 -9.53
C ILE A 300 -9.36 -1.76 -8.49
N THR A 301 -9.94 -2.89 -8.92
CA THR A 301 -10.33 -3.93 -7.97
C THR A 301 -9.12 -4.56 -7.30
N MET A 302 -7.99 -4.64 -7.99
CA MET A 302 -6.79 -5.20 -7.38
C MET A 302 -6.26 -4.27 -6.29
N LEU A 303 -6.17 -2.97 -6.57
CA LEU A 303 -5.71 -2.03 -5.56
C LEU A 303 -6.75 -1.81 -4.48
N THR A 304 -8.04 -1.95 -4.81
CA THR A 304 -9.07 -1.89 -3.78
C THR A 304 -8.95 -3.06 -2.83
N ALA A 305 -8.82 -4.28 -3.37
CA ALA A 305 -8.61 -5.45 -2.53
C ALA A 305 -7.34 -5.31 -1.70
N ARG A 306 -6.30 -4.72 -2.28
CA ARG A 306 -5.05 -4.54 -1.54
C ARG A 306 -5.22 -3.51 -0.43
N GLY A 307 -5.93 -2.43 -0.70
CA GLY A 307 -6.15 -1.42 0.33
C GLY A 307 -7.08 -1.88 1.43
N ILE A 308 -8.04 -2.75 1.12
CA ILE A 308 -8.93 -3.27 2.14
C ILE A 308 -8.19 -4.24 3.05
N ILE A 309 -7.44 -5.17 2.46
CA ILE A 309 -6.68 -6.14 3.25
C ILE A 309 -5.66 -5.42 4.13
N ARG A 310 -5.02 -4.39 3.60
CA ARG A 310 -4.06 -3.63 4.39
C ARG A 310 -4.73 -3.01 5.62
N PHE A 311 -5.97 -2.56 5.47
CA PHE A 311 -6.66 -1.89 6.56
C PHE A 311 -7.34 -2.88 7.50
N VAL A 312 -8.08 -3.85 6.96
CA VAL A 312 -8.84 -4.78 7.79
C VAL A 312 -7.92 -5.84 8.39
N ILE A 313 -7.26 -6.61 7.55
CA ILE A 313 -6.41 -7.68 8.04
C ILE A 313 -5.14 -7.12 8.67
N GLY A 314 -4.57 -6.06 8.06
CA GLY A 314 -3.30 -5.54 8.51
C GLY A 314 -3.37 -4.55 9.65
N PHE A 315 -4.56 -4.10 10.03
CA PHE A 315 -4.67 -3.14 11.13
C PHE A 315 -5.85 -3.46 12.05
N LEU A 316 -7.05 -3.56 11.48
CA LEU A 316 -8.23 -3.81 12.32
C LEU A 316 -8.10 -5.13 13.07
N LEU A 317 -7.52 -6.15 12.43
CA LEU A 317 -7.33 -7.42 13.13
C LEU A 317 -6.34 -7.30 14.28
N PRO A 318 -5.09 -6.86 14.08
CA PRO A 318 -4.17 -6.78 15.23
C PRO A 318 -4.55 -5.71 16.24
N MET A 319 -5.05 -4.56 15.79
CA MET A 319 -5.38 -3.49 16.73
C MET A 319 -6.49 -3.93 17.67
N SER A 320 -7.53 -4.58 17.14
CA SER A 320 -8.61 -5.07 18.00
C SER A 320 -8.08 -6.09 19.00
N ILE A 321 -7.21 -6.99 18.54
CA ILE A 321 -6.66 -8.00 19.43
C ILE A 321 -5.82 -7.34 20.53
N VAL A 322 -4.94 -6.41 20.14
CA VAL A 322 -4.09 -5.76 21.13
C VAL A 322 -4.92 -4.94 22.11
N ALA A 323 -5.92 -4.22 21.61
CA ALA A 323 -6.74 -3.39 22.50
C ALA A 323 -7.55 -4.25 23.46
N ILE A 324 -8.15 -5.34 22.97
CA ILE A 324 -9.00 -6.18 23.80
C ILE A 324 -8.17 -6.95 24.82
N CYS A 325 -7.06 -7.55 24.37
CA CYS A 325 -6.27 -8.41 25.26
C CYS A 325 -5.69 -7.62 26.43
N TYR A 326 -4.96 -6.54 26.13
CA TYR A 326 -4.42 -5.72 27.21
C TYR A 326 -5.51 -4.99 27.97
N GLY A 327 -6.70 -4.84 27.38
CA GLY A 327 -7.83 -4.31 28.14
C GLY A 327 -8.38 -5.31 29.12
N LEU A 328 -8.43 -6.59 28.73
CA LEU A 328 -8.84 -7.63 29.66
C LEU A 328 -7.81 -7.86 30.74
N ILE A 329 -6.53 -7.67 30.42
CA ILE A 329 -5.48 -7.75 31.44
C ILE A 329 -5.61 -6.59 32.42
N ALA A 330 -5.93 -5.39 31.92
CA ALA A 330 -6.09 -4.24 32.80
C ALA A 330 -7.29 -4.40 33.74
N ALA A 331 -8.28 -5.20 33.34
CA ALA A 331 -9.45 -5.51 34.16
C ALA A 331 -9.19 -6.62 35.16
N LYS A 332 -8.32 -7.59 34.82
CA LYS A 332 -8.00 -8.66 35.75
C LYS A 332 -7.15 -8.15 36.91
N ILE A 333 -6.22 -7.24 36.62
CA ILE A 333 -5.43 -6.63 37.68
C ILE A 333 -6.30 -5.75 38.56
N HIS A 334 -7.26 -5.04 37.96
CA HIS A 334 -8.18 -4.23 38.73
C HIS A 334 -9.10 -5.07 39.61
N LYS A 335 -9.21 -6.37 39.33
CA LYS A 335 -10.09 -7.24 40.11
C LYS A 335 -9.44 -7.64 41.43
N LYS A 336 -8.39 -8.46 41.36
CA LYS A 336 -7.67 -8.88 42.55
C LYS A 336 -6.73 -7.77 42.99
N GLY A 337 -5.79 -8.08 43.88
CA GLY A 337 -4.83 -7.11 44.35
C GLY A 337 -3.78 -6.79 43.31
N MET A 338 -2.63 -6.33 43.80
CA MET A 338 -1.52 -5.96 42.95
C MET A 338 -0.38 -6.96 43.11
N ILE A 339 -0.70 -8.25 42.99
CA ILE A 339 0.33 -9.29 43.09
C ILE A 339 1.04 -9.46 41.76
N LYS A 340 0.28 -9.57 40.67
CA LYS A 340 0.88 -9.69 39.34
C LYS A 340 1.40 -8.36 38.82
N SER A 341 0.86 -7.24 39.31
CA SER A 341 1.27 -5.92 38.84
C SER A 341 2.70 -5.60 39.26
N SER A 342 3.67 -6.37 38.75
CA SER A 342 5.08 -6.09 39.03
C SER A 342 5.67 -5.10 38.04
N ARG A 343 5.09 -5.00 36.85
CA ARG A 343 5.46 -4.06 35.79
C ARG A 343 4.63 -2.79 35.91
N PRO A 344 5.25 -1.62 35.73
CA PRO A 344 4.51 -0.36 35.88
C PRO A 344 3.39 -0.26 34.85
N LEU A 345 2.40 0.57 35.19
CA LEU A 345 1.26 0.77 34.30
C LEU A 345 1.65 1.45 32.99
N ARG A 346 2.78 2.16 32.97
CA ARG A 346 3.26 2.74 31.71
C ARG A 346 3.69 1.67 30.71
N VAL A 347 3.94 0.45 31.18
CA VAL A 347 4.28 -0.64 30.27
C VAL A 347 3.05 -1.15 29.57
N LEU A 348 1.93 -1.25 30.29
CA LEU A 348 0.71 -1.80 29.69
C LEU A 348 0.11 -0.83 28.67
N THR A 349 0.17 0.47 28.96
CA THR A 349 -0.40 1.49 28.09
C THR A 349 0.54 1.92 26.97
N ALA A 350 1.72 1.31 26.86
CA ALA A 350 2.66 1.65 25.79
C ALA A 350 2.57 0.71 24.60
N VAL A 351 2.29 -0.58 24.83
CA VAL A 351 2.19 -1.51 23.70
C VAL A 351 0.96 -1.21 22.86
N VAL A 352 -0.09 -0.64 23.47
CA VAL A 352 -1.28 -0.28 22.71
C VAL A 352 -1.19 1.13 22.14
N ALA A 353 -0.34 1.99 22.71
CA ALA A 353 -0.17 3.34 22.19
C ALA A 353 0.89 3.42 21.10
N SER A 354 2.01 2.72 21.28
CA SER A 354 3.05 2.72 20.26
C SER A 354 2.58 2.04 18.98
N PHE A 355 1.76 0.99 19.10
CA PHE A 355 1.24 0.34 17.90
C PHE A 355 0.23 1.23 17.18
N PHE A 356 -0.55 2.01 17.92
CA PHE A 356 -1.56 2.85 17.30
C PHE A 356 -0.95 4.10 16.68
N ILE A 357 -0.08 4.79 17.44
CA ILE A 357 0.53 6.02 16.94
C ILE A 357 1.37 5.74 15.71
N CYS A 358 2.02 4.57 15.64
CA CYS A 358 2.90 4.27 14.52
C CYS A 358 2.13 3.86 13.27
N TRP A 359 1.07 3.07 13.42
CA TRP A 359 0.41 2.48 12.26
C TRP A 359 -0.83 3.24 11.80
N PHE A 360 -1.56 3.89 12.69
CA PHE A 360 -2.82 4.51 12.29
C PHE A 360 -2.66 5.61 11.25
N PRO A 361 -1.69 6.55 11.35
CA PRO A 361 -1.55 7.54 10.27
C PRO A 361 -1.35 6.92 8.90
N PHE A 362 -0.41 5.98 8.76
CA PHE A 362 -0.19 5.33 7.48
C PHE A 362 -1.40 4.52 7.04
N GLN A 363 -2.01 3.79 7.97
CA GLN A 363 -3.22 3.05 7.63
C GLN A 363 -4.36 3.98 7.25
N LEU A 364 -4.41 5.18 7.84
CA LEU A 364 -5.43 6.15 7.47
C LEU A 364 -5.16 6.72 6.09
N VAL A 365 -3.90 7.06 5.79
CA VAL A 365 -3.57 7.60 4.48
C VAL A 365 -3.78 6.56 3.40
N ALA A 366 -3.33 5.33 3.63
CA ALA A 366 -3.53 4.26 2.66
C ALA A 366 -5.01 3.92 2.50
N LEU A 367 -5.81 4.10 3.55
CA LEU A 367 -7.24 3.84 3.45
C LEU A 367 -7.93 4.91 2.62
N LEU A 368 -7.58 6.18 2.86
CA LEU A 368 -8.18 7.26 2.08
C LEU A 368 -7.78 7.16 0.62
N GLY A 369 -6.53 6.76 0.34
CA GLY A 369 -6.10 6.54 -1.02
C GLY A 369 -6.85 5.42 -1.72
N THR A 370 -7.39 4.46 -0.97
CA THR A 370 -8.13 3.36 -1.57
C THR A 370 -9.55 3.77 -1.92
N VAL A 371 -10.18 4.60 -1.09
CA VAL A 371 -11.53 5.08 -1.38
C VAL A 371 -11.56 6.18 -2.42
N TRP A 372 -10.39 6.77 -2.74
CA TRP A 372 -10.27 7.79 -3.76
C TRP A 372 -9.45 7.29 -4.94
N LEU A 373 -9.44 5.97 -5.18
CA LEU A 373 -8.66 5.40 -6.26
C LEU A 373 -9.12 5.94 -7.61
N LYS A 374 -10.43 5.94 -7.84
CA LYS A 374 -10.94 6.41 -9.12
C LYS A 374 -10.76 7.92 -9.29
N GLU A 375 -10.83 8.68 -8.19
CA GLU A 375 -10.58 10.11 -8.28
C GLU A 375 -9.14 10.40 -8.65
N MET A 376 -8.22 9.50 -8.32
CA MET A 376 -6.82 9.64 -8.70
C MET A 376 -6.53 9.14 -10.11
N LEU A 377 -7.39 8.26 -10.64
CA LEU A 377 -7.16 7.64 -11.95
C LEU A 377 -7.68 8.52 -13.09
N PHE A 378 -8.90 9.01 -12.97
CA PHE A 378 -9.53 9.79 -14.03
C PHE A 378 -9.24 11.28 -13.94
N TYR A 379 -8.79 11.77 -12.79
CA TYR A 379 -8.58 13.20 -12.59
C TYR A 379 -7.26 13.56 -11.95
N GLY A 380 -6.51 12.61 -11.43
CA GLY A 380 -5.27 12.92 -10.73
C GLY A 380 -5.47 13.74 -9.48
N LYS A 381 -6.63 13.62 -8.84
CA LYS A 381 -6.94 14.39 -7.64
C LYS A 381 -6.30 13.75 -6.41
N TYR A 382 -6.44 14.41 -5.26
CA TYR A 382 -5.96 13.93 -3.98
C TYR A 382 -4.48 13.55 -4.04
N LYS A 383 -3.66 14.48 -4.52
CA LYS A 383 -2.22 14.27 -4.52
C LYS A 383 -1.61 14.38 -3.14
N ILE A 384 -2.32 14.95 -2.17
CA ILE A 384 -1.83 15.00 -0.80
C ILE A 384 -1.65 13.60 -0.24
N ILE A 385 -2.43 12.63 -0.73
CA ILE A 385 -2.30 11.25 -0.28
C ILE A 385 -0.92 10.69 -0.63
N ASP A 386 -0.49 10.93 -1.88
CA ASP A 386 0.84 10.46 -2.27
C ASP A 386 1.94 11.18 -1.51
N ILE A 387 1.74 12.47 -1.20
CA ILE A 387 2.76 13.23 -0.50
C ILE A 387 2.97 12.68 0.91
N LEU A 388 1.91 12.20 1.55
CA LEU A 388 1.96 11.72 2.92
C LEU A 388 2.38 10.26 3.04
N VAL A 389 2.60 9.56 1.92
CA VAL A 389 2.98 8.15 1.99
C VAL A 389 4.30 7.99 2.72
N ASN A 390 5.36 8.61 2.19
CA ASN A 390 6.69 8.46 2.79
C ASN A 390 6.74 8.95 4.23
N PRO A 391 6.22 10.13 4.58
CA PRO A 391 6.26 10.53 6.00
C PRO A 391 5.53 9.56 6.92
N THR A 392 4.33 9.11 6.55
CA THR A 392 3.62 8.18 7.42
C THR A 392 4.21 6.77 7.35
N SER A 393 4.78 6.40 6.20
CA SER A 393 5.44 5.09 6.11
C SER A 393 6.62 4.99 7.06
N SER A 394 7.44 6.04 7.12
CA SER A 394 8.60 6.03 8.01
C SER A 394 8.19 5.93 9.47
N LEU A 395 7.05 6.53 9.83
CA LEU A 395 6.55 6.44 11.20
C LEU A 395 6.18 5.00 11.56
N ALA A 396 5.49 4.30 10.65
CA ALA A 396 5.16 2.90 10.90
C ALA A 396 6.43 2.04 10.86
N PHE A 397 7.36 2.37 9.97
CA PHE A 397 8.61 1.62 9.91
C PHE A 397 9.42 1.80 11.18
N PHE A 398 9.29 2.94 11.85
CA PHE A 398 10.01 3.21 13.08
C PHE A 398 9.56 2.30 14.22
N ASN A 399 8.34 1.75 14.13
CA ASN A 399 7.87 0.80 15.14
C ASN A 399 8.71 -0.47 15.17
N SER A 400 9.42 -0.79 14.09
CA SER A 400 10.24 -1.99 14.05
C SER A 400 11.49 -1.89 14.90
N CYS A 401 11.84 -0.70 15.38
CA CYS A 401 12.97 -0.55 16.28
C CYS A 401 12.56 -0.12 17.68
N LEU A 402 11.27 0.13 17.92
CA LEU A 402 10.76 0.39 19.26
C LEU A 402 10.31 -0.89 19.97
N ASN A 403 9.94 -1.92 19.22
CA ASN A 403 9.46 -3.16 19.85
C ASN A 403 10.48 -3.81 20.78
N PRO A 404 11.80 -3.76 20.53
CA PRO A 404 12.74 -4.29 21.54
C PRO A 404 12.58 -3.68 22.91
N MET A 405 12.41 -2.35 23.00
CA MET A 405 12.25 -1.70 24.30
C MET A 405 10.85 -1.85 24.86
N LEU A 406 9.84 -2.04 24.01
CA LEU A 406 8.46 -2.15 24.49
C LEU A 406 8.16 -3.54 25.03
N TYR A 407 8.69 -4.58 24.40
CA TYR A 407 8.34 -5.95 24.73
C TYR A 407 9.44 -6.72 25.44
N VAL A 408 10.69 -6.61 24.97
CA VAL A 408 11.78 -7.42 25.51
C VAL A 408 12.47 -6.69 26.65
N PHE A 409 13.23 -5.64 26.32
CA PHE A 409 14.05 -4.95 27.30
C PHE A 409 13.25 -4.15 28.32
N VAL A 410 11.92 -4.18 28.28
CA VAL A 410 11.14 -3.56 29.34
C VAL A 410 11.12 -4.43 30.59
N GLY A 411 11.39 -5.74 30.45
CA GLY A 411 11.45 -6.61 31.60
C GLY A 411 12.77 -6.53 32.33
N GLN A 412 12.83 -7.22 33.47
CA GLN A 412 14.01 -7.17 34.33
C GLN A 412 15.02 -8.25 33.98
N ASP A 413 14.56 -9.44 33.57
CA ASP A 413 15.48 -10.53 33.29
C ASP A 413 16.27 -10.31 32.00
N PHE A 414 15.68 -9.62 31.03
CA PHE A 414 16.36 -9.43 29.74
C PHE A 414 17.44 -8.36 29.82
N ARG A 415 17.18 -7.28 30.57
CA ARG A 415 18.11 -6.15 30.58
C ARG A 415 19.42 -6.51 31.29
N GLU A 416 19.34 -7.21 32.43
CA GLU A 416 20.56 -7.57 33.15
C GLU A 416 21.30 -8.72 32.50
N ARG A 417 20.59 -9.60 31.79
CA ARG A 417 21.27 -10.66 31.03
C ARG A 417 22.12 -10.09 29.91
N LEU A 418 21.69 -8.97 29.32
CA LEU A 418 22.46 -8.33 28.27
C LEU A 418 23.72 -7.67 28.82
N ILE A 419 23.64 -7.14 30.05
CA ILE A 419 24.78 -6.44 30.62
C ILE A 419 25.93 -7.41 30.90
N HIS A 420 25.62 -8.55 31.52
CA HIS A 420 26.65 -9.54 31.84
C HIS A 420 27.18 -10.26 30.60
N SER A 421 26.51 -10.14 29.46
CA SER A 421 27.01 -10.78 28.25
C SER A 421 28.11 -9.98 27.58
N LEU A 422 28.08 -8.65 27.70
CA LEU A 422 29.10 -7.81 27.11
C LEU A 422 30.20 -7.55 28.13
N PRO A 423 31.45 -7.92 27.86
CA PRO A 423 32.51 -7.74 28.85
C PRO A 423 32.95 -6.28 28.98
N THR A 424 33.09 -5.83 30.23
CA THR A 424 33.55 -4.50 30.56
C THR A 424 32.75 -3.42 29.85
N SER A 425 31.57 -3.09 30.38
CA SER A 425 30.71 -2.07 29.80
C SER A 425 30.12 -1.22 30.92
N LEU A 426 29.63 -0.03 30.54
CA LEU A 426 29.03 0.88 31.50
C LEU A 426 27.61 0.45 31.83
N GLU A 427 27.23 0.61 33.10
CA GLU A 427 25.90 0.24 33.56
C GLU A 427 24.91 1.39 33.39
N TRP B 1 -1.45 8.03 -7.27
CA TRP B 1 -1.27 6.82 -6.48
C TRP B 1 0.19 6.35 -6.57
N LYS B 2 0.82 5.82 -5.34
CA LYS B 2 2.19 5.34 -5.32
C LYS B 2 2.14 3.90 -4.81
N TYR B 3 3.30 3.02 -4.96
CA TYR B 3 3.20 1.66 -4.43
C TYR B 3 3.19 1.75 -2.91
N MET B 4 2.18 1.02 -2.12
CA MET B 4 2.22 1.15 -0.68
C MET B 4 2.47 -0.23 -0.06
N VAL B 5 3.37 -0.35 1.09
CA VAL B 5 3.59 -1.68 1.66
C VAL B 5 2.33 -2.13 2.39
N QXV B 6 2.01 -3.55 2.50
CA QXV B 6 0.80 -3.96 3.18
C QXV B 6 -0.10 -4.77 2.25
O QXV B 6 -1.27 -4.78 2.43
CB QXV B 6 1.15 -4.81 4.40
CG QXV B 6 2.42 -4.36 5.11
SD QXV B 6 1.99 -3.31 6.53
CE QXV B 6 1.07 -4.27 7.77
NXT QXV B 6 0.48 -5.51 1.15
C1 CLR C . -14.22 -12.20 24.59
C2 CLR C . -14.25 -13.04 25.88
C3 CLR C . -13.82 -12.20 27.06
C4 CLR C . -14.73 -11.01 27.20
C5 CLR C . -14.77 -10.17 25.93
C6 CLR C . -14.53 -8.87 25.98
C7 CLR C . -14.66 -7.94 24.81
C8 CLR C . -15.30 -8.60 23.59
C9 CLR C . -14.74 -10.02 23.42
C10 CLR C . -15.09 -10.93 24.65
C11 CLR C . -15.15 -10.66 22.09
C12 CLR C . -14.85 -9.77 20.88
C13 CLR C . -15.54 -8.40 21.01
C14 CLR C . -15.02 -7.78 22.33
C15 CLR C . -15.46 -6.32 22.28
C16 CLR C . -15.48 -5.99 20.78
C17 CLR C . -15.11 -7.28 20.02
C18 CLR C . -17.06 -8.56 21.00
C19 CLR C . -16.58 -11.31 24.68
C20 CLR C . -15.61 -7.30 18.57
C21 CLR C . -15.02 -8.41 17.71
C22 CLR C . -15.38 -5.92 17.90
C23 CLR C . -13.95 -5.59 17.58
C24 CLR C . -13.78 -4.30 16.81
C25 CLR C . -13.47 -4.46 15.31
C26 CLR C . -14.53 -5.27 14.59
C27 CLR C . -13.27 -3.11 14.64
O1 CLR C . -13.86 -13.01 28.25
C1 CLR D . 8.77 -21.96 12.27
C2 CLR D . 8.39 -22.48 13.66
C3 CLR D . 9.31 -22.01 14.77
C4 CLR D . 10.59 -21.41 14.20
C5 CLR D . 10.35 -20.29 13.22
C6 CLR D . 11.17 -19.26 13.11
C7 CLR D . 11.32 -18.42 11.88
C8 CLR D . 10.21 -18.61 10.84
C9 CLR D . 9.69 -20.06 10.86
C10 CLR D . 9.17 -20.47 12.25
C11 CLR D . 8.67 -20.30 9.72
C12 CLR D . 9.23 -19.93 8.34
C13 CLR D . 9.70 -18.47 8.30
C14 CLR D . 10.72 -18.28 9.44
C15 CLR D . 11.36 -16.93 9.17
C16 CLR D . 11.35 -16.81 7.63
C17 CLR D . 10.59 -18.06 7.09
C18 CLR D . 8.51 -17.51 8.44
C19 CLR D . 8.01 -19.58 12.72
C20 CLR D . 9.96 -17.80 5.71
O1 CLR D . 8.64 -21.03 15.56
#